data_8D5H
#
_entry.id   8D5H
#
_cell.length_a   101.781
_cell.length_b   101.781
_cell.length_c   207.212
_cell.angle_alpha   90.000
_cell.angle_beta   90.000
_cell.angle_gamma   120.000
#
_symmetry.space_group_name_H-M   'P 64 2 2'
#
loop_
_entity.id
_entity.type
_entity.pdbx_description
1 polymer folP-SMZ_B27
2 non-polymer DI(HYDROXYETHYL)ETHER
3 non-polymer 6-HYDROXYMETHYLPTERIN
4 non-polymer 'SULFATE ION'
5 non-polymer 'CHLORIDE ION'
6 water water
#
_entity_poly.entity_id   1
_entity_poly.type   'polypeptide(L)'
_entity_poly.pdbx_seq_one_letter_code
;QGMAKVKIVGILNVTPNSFHDGGRFVETDKAVVRARELLSQGADIIEIGGESTGPGSNTITADEELARIVPVIRAIRSSL
PDANIAVDTYKAEVARKALELGATMINDVSAGRADPKLFGVVARSNAQIVLMYSKDTDPHTSFDERQYVDVVRTVYDFLA
ERKKAAMSAGIPADRIILDTGLGHFVSSDPQYSFQLLAHLSDFQDLGCKLFLSPSRKSFLAGNELLKTADRLPGTIAASA
IAVLHGADYIRTHDVLEVRRGCEIATAINQPPER
;
_entity_poly.pdbx_strand_id   A,B
#
# COMPACT_ATOMS: atom_id res chain seq x y z
N GLY A 2 -31.03 9.53 24.94
CA GLY A 2 -30.82 9.32 23.51
C GLY A 2 -29.38 9.65 23.10
N MET A 3 -28.67 8.68 22.67
CA MET A 3 -27.32 8.91 22.31
C MET A 3 -27.24 9.47 20.88
N ALA A 4 -26.49 10.56 20.66
CA ALA A 4 -26.42 11.18 19.34
C ALA A 4 -25.68 10.29 18.35
N LYS A 5 -26.09 10.32 17.08
CA LYS A 5 -25.30 9.61 16.09
C LYS A 5 -23.98 10.32 15.80
N VAL A 6 -23.07 9.56 15.20
CA VAL A 6 -21.76 10.08 14.79
C VAL A 6 -21.96 11.12 13.71
N LYS A 7 -21.07 12.11 13.65
CA LYS A 7 -21.02 13.01 12.50
C LYS A 7 -20.11 12.38 11.43
N ILE A 8 -20.63 12.26 10.20
CA ILE A 8 -19.89 11.68 9.09
C ILE A 8 -19.22 12.80 8.32
N VAL A 9 -17.91 12.70 8.18
CA VAL A 9 -17.11 13.72 7.49
C VAL A 9 -16.76 13.14 6.11
N GLY A 10 -17.37 13.69 5.07
CA GLY A 10 -17.19 13.15 3.73
C GLY A 10 -15.95 13.76 3.09
N ILE A 11 -15.09 12.91 2.56
CA ILE A 11 -13.86 13.39 1.96
C ILE A 11 -14.13 13.92 0.56
N LEU A 12 -13.70 15.16 0.32
CA LEU A 12 -13.63 15.82 -0.99
C LEU A 12 -12.19 16.28 -1.21
N ASN A 13 -11.37 15.42 -1.82
CA ASN A 13 -9.99 15.78 -2.09
C ASN A 13 -9.90 16.59 -3.37
N VAL A 14 -8.99 17.58 -3.37
CA VAL A 14 -8.77 18.44 -4.54
C VAL A 14 -7.28 18.38 -4.91
N THR A 15 -6.82 17.22 -5.40
CA THR A 15 -5.39 17.01 -5.63
C THR A 15 -5.15 16.37 -7.01
N GLY A 22 -3.52 24.77 -17.47
CA GLY A 22 -4.49 24.38 -18.49
C GLY A 22 -5.91 24.20 -17.98
N GLY A 23 -6.15 23.13 -17.24
CA GLY A 23 -7.51 22.87 -16.78
C GLY A 23 -7.65 22.52 -15.31
N ARG A 24 -7.65 23.54 -14.44
CA ARG A 24 -8.05 23.39 -13.05
C ARG A 24 -9.46 23.89 -12.80
N PHE A 25 -10.05 24.62 -13.75
CA PHE A 25 -11.43 25.08 -13.66
C PHE A 25 -12.42 23.93 -13.83
N VAL A 26 -12.03 22.86 -14.53
CA VAL A 26 -12.85 21.66 -14.66
C VAL A 26 -13.10 20.98 -13.30
N GLU A 27 -12.21 21.19 -12.34
CA GLU A 27 -12.41 20.55 -11.04
C GLU A 27 -13.53 21.20 -10.24
N THR A 28 -13.74 22.52 -10.40
CA THR A 28 -14.65 23.23 -9.49
C THR A 28 -16.10 22.81 -9.66
N ASP A 29 -16.58 22.78 -10.91
CA ASP A 29 -17.94 22.31 -11.15
C ASP A 29 -18.11 20.87 -10.70
N LYS A 30 -17.11 20.03 -10.98
CA LYS A 30 -17.17 18.64 -10.55
C LYS A 30 -17.14 18.54 -9.04
N ALA A 31 -16.36 19.41 -8.38
CA ALA A 31 -16.35 19.40 -6.90
C ALA A 31 -17.73 19.65 -6.32
N VAL A 32 -18.49 20.60 -6.89
CA VAL A 32 -19.82 20.87 -6.36
C VAL A 32 -20.73 19.66 -6.55
N VAL A 33 -20.64 19.01 -7.72
CA VAL A 33 -21.43 17.81 -7.95
C VAL A 33 -21.08 16.75 -6.91
N ARG A 34 -19.78 16.54 -6.67
CA ARG A 34 -19.36 15.56 -5.67
C ARG A 34 -19.81 15.94 -4.27
N ALA A 35 -19.69 17.22 -3.91
CA ALA A 35 -20.12 17.65 -2.57
C ALA A 35 -21.61 17.41 -2.38
N ARG A 36 -22.39 17.68 -3.40
CA ARG A 36 -23.83 17.44 -3.30
C ARG A 36 -24.12 15.96 -3.10
N GLU A 37 -23.36 15.09 -3.77
CA GLU A 37 -23.57 13.66 -3.60
C GLU A 37 -23.20 13.25 -2.18
N LEU A 38 -22.10 13.78 -1.65
CA LEU A 38 -21.75 13.44 -0.27
C LEU A 38 -22.88 13.85 0.68
N LEU A 39 -23.43 15.05 0.50
CA LEU A 39 -24.55 15.48 1.34
C LEU A 39 -25.76 14.58 1.13
N SER A 40 -26.01 14.20 -0.12
CA SER A 40 -27.14 13.32 -0.45
C SER A 40 -27.04 11.99 0.30
N GLN A 41 -25.82 11.51 0.48
CA GLN A 41 -25.58 10.23 1.15
C GLN A 41 -25.61 10.37 2.67
N GLY A 42 -25.67 11.58 3.18
CA GLY A 42 -25.79 11.84 4.60
C GLY A 42 -24.54 12.33 5.29
N ALA A 43 -23.57 12.89 4.55
CA ALA A 43 -22.43 13.53 5.21
C ALA A 43 -22.90 14.76 5.98
N ASP A 44 -22.31 14.97 7.17
CA ASP A 44 -22.58 16.14 7.99
C ASP A 44 -21.60 17.27 7.71
N ILE A 45 -20.42 16.93 7.24
CA ILE A 45 -19.33 17.88 7.01
C ILE A 45 -18.66 17.47 5.71
N ILE A 46 -18.28 18.44 4.89
CA ILE A 46 -17.53 18.19 3.66
C ILE A 46 -16.10 18.62 3.92
N GLU A 47 -15.19 17.68 3.83
CA GLU A 47 -13.78 17.94 4.15
C GLU A 47 -12.95 18.12 2.88
N ILE A 48 -12.45 19.34 2.69
CA ILE A 48 -11.74 19.72 1.48
C ILE A 48 -10.25 19.70 1.78
N GLY A 49 -9.45 19.12 0.90
CA GLY A 49 -8.03 19.28 1.13
C GLY A 49 -7.27 19.39 -0.17
N GLY A 50 -6.25 20.23 -0.23
CA GLY A 50 -5.45 20.38 -1.41
C GLY A 50 -4.04 19.80 -1.35
N GLU A 51 -3.68 19.08 -0.29
CA GLU A 51 -2.31 18.58 -0.18
C GLU A 51 -2.36 17.20 0.40
N SER A 52 -1.90 16.20 -0.36
CA SER A 52 -1.86 14.87 0.24
C SER A 52 -0.77 14.80 1.29
N THR A 53 -1.00 13.94 2.29
CA THR A 53 0.05 13.74 3.29
C THR A 53 0.35 12.27 3.54
N GLY A 54 -0.10 11.35 2.66
CA GLY A 54 0.25 9.96 2.88
C GLY A 54 1.68 9.65 2.44
N PRO A 55 2.07 8.39 2.61
CA PRO A 55 3.43 8.00 2.21
C PRO A 55 3.68 8.30 0.75
N GLY A 56 4.83 8.91 0.49
CA GLY A 56 5.23 9.25 -0.84
C GLY A 56 4.83 10.64 -1.25
N SER A 57 4.01 11.33 -0.44
CA SER A 57 3.55 12.67 -0.79
C SER A 57 4.69 13.69 -0.68
N ASN A 58 4.54 14.76 -1.41
CA ASN A 58 5.51 15.84 -1.32
C ASN A 58 4.82 17.12 -0.91
N THR A 59 5.64 18.04 -0.42
CA THR A 59 5.18 19.33 0.07
C THR A 59 4.76 20.22 -1.07
N ILE A 60 3.60 20.89 -0.90
CA ILE A 60 3.20 21.92 -1.84
C ILE A 60 3.16 23.25 -1.10
N THR A 61 3.35 24.31 -1.87
CA THR A 61 3.39 25.64 -1.29
C THR A 61 2.00 26.06 -0.86
N ALA A 62 1.97 27.05 0.03
CA ALA A 62 0.70 27.63 0.45
C ALA A 62 -0.03 28.22 -0.74
N ASP A 63 0.71 28.84 -1.67
CA ASP A 63 0.08 29.41 -2.85
C ASP A 63 -0.56 28.32 -3.72
N GLU A 64 0.13 27.19 -3.91
CA GLU A 64 -0.47 26.09 -4.66
C GLU A 64 -1.67 25.49 -3.93
N GLU A 65 -1.55 25.33 -2.61
CA GLU A 65 -2.64 24.78 -1.81
C GLU A 65 -3.88 25.69 -1.87
N LEU A 66 -3.69 27.00 -1.70
CA LEU A 66 -4.83 27.91 -1.83
C LEU A 66 -5.39 27.87 -3.25
N ALA A 67 -4.51 27.83 -4.26
CA ALA A 67 -5.00 27.82 -5.63
C ALA A 67 -5.90 26.60 -5.89
N ARG A 68 -5.64 25.50 -5.20
CA ARG A 68 -6.49 24.31 -5.33
C ARG A 68 -7.81 24.46 -4.57
N ILE A 69 -7.77 24.88 -3.30
CA ILE A 69 -8.96 24.74 -2.46
C ILE A 69 -9.87 25.97 -2.50
N VAL A 70 -9.33 27.16 -2.71
CA VAL A 70 -10.18 28.37 -2.61
C VAL A 70 -11.30 28.38 -3.64
N PRO A 71 -11.07 28.11 -4.93
CA PRO A 71 -12.20 28.09 -5.88
C PRO A 71 -13.25 27.06 -5.50
N VAL A 72 -12.83 25.94 -4.92
CA VAL A 72 -13.76 24.89 -4.51
C VAL A 72 -14.58 25.33 -3.29
N ILE A 73 -13.92 25.95 -2.29
CA ILE A 73 -14.67 26.48 -1.15
C ILE A 73 -15.69 27.51 -1.62
N ARG A 74 -15.25 28.47 -2.45
CA ARG A 74 -16.16 29.51 -2.91
C ARG A 74 -17.35 28.91 -3.65
N ALA A 75 -17.10 27.90 -4.49
CA ALA A 75 -18.19 27.30 -5.28
C ALA A 75 -19.17 26.55 -4.39
N ILE A 76 -18.65 25.82 -3.41
CA ILE A 76 -19.51 25.11 -2.45
C ILE A 76 -20.27 26.10 -1.58
N ARG A 77 -19.60 27.16 -1.09
CA ARG A 77 -20.34 28.14 -0.29
C ARG A 77 -21.47 28.76 -1.09
N SER A 78 -21.26 28.98 -2.41
CA SER A 78 -22.26 29.60 -3.25
C SER A 78 -23.40 28.64 -3.59
N SER A 79 -23.08 27.40 -3.97
CA SER A 79 -24.10 26.49 -4.46
C SER A 79 -24.74 25.65 -3.37
N LEU A 80 -23.99 25.41 -2.29
CA LEU A 80 -24.46 24.56 -1.19
C LEU A 80 -24.29 25.32 0.11
N PRO A 81 -25.10 26.38 0.32
CA PRO A 81 -24.76 27.34 1.39
C PRO A 81 -24.94 26.81 2.81
N ASP A 82 -25.75 25.76 3.03
CA ASP A 82 -25.80 25.24 4.40
C ASP A 82 -24.78 24.14 4.67
N ALA A 83 -23.98 23.77 3.69
CA ALA A 83 -22.99 22.72 3.91
C ALA A 83 -21.88 23.19 4.86
N ASN A 84 -21.60 22.39 5.88
CA ASN A 84 -20.50 22.62 6.78
C ASN A 84 -19.21 22.14 6.15
N ILE A 85 -18.21 23.01 6.14
CA ILE A 85 -16.92 22.76 5.47
C ILE A 85 -15.80 22.61 6.49
N ALA A 86 -15.02 21.57 6.32
CA ALA A 86 -13.73 21.41 7.01
C ALA A 86 -12.63 21.49 5.98
N VAL A 87 -11.48 22.02 6.38
CA VAL A 87 -10.32 22.05 5.49
C VAL A 87 -9.16 21.32 6.15
N ASP A 88 -8.56 20.39 5.40
CA ASP A 88 -7.35 19.67 5.80
CA ASP A 88 -7.35 19.67 5.83
C ASP A 88 -6.14 20.51 5.45
N THR A 89 -5.48 21.11 6.45
CA THR A 89 -4.24 21.82 6.16
C THR A 89 -3.40 21.87 7.42
N TYR A 90 -2.06 21.90 7.23
CA TYR A 90 -1.16 22.22 8.35
C TYR A 90 -0.59 23.63 8.25
N LYS A 91 -1.03 24.45 7.30
CA LYS A 91 -0.47 25.77 7.09
C LYS A 91 -1.39 26.84 7.65
N ALA A 92 -0.82 27.74 8.45
CA ALA A 92 -1.59 28.80 9.06
C ALA A 92 -2.25 29.71 8.03
N GLU A 93 -1.50 30.08 6.98
CA GLU A 93 -2.04 30.99 5.96
C GLU A 93 -3.26 30.39 5.27
N VAL A 94 -3.20 29.08 5.00
CA VAL A 94 -4.30 28.38 4.35
C VAL A 94 -5.48 28.28 5.30
N ALA A 95 -5.21 27.91 6.57
CA ALA A 95 -6.29 27.84 7.54
C ALA A 95 -6.98 29.20 7.66
N ARG A 96 -6.19 30.27 7.69
CA ARG A 96 -6.73 31.60 7.86
C ARG A 96 -7.73 31.94 6.77
N LYS A 97 -7.34 31.68 5.50
CA LYS A 97 -8.24 31.97 4.37
C LYS A 97 -9.47 31.08 4.43
N ALA A 98 -9.26 29.78 4.73
CA ALA A 98 -10.39 28.87 4.81
C ALA A 98 -11.42 29.35 5.82
N LEU A 99 -10.95 29.80 7.00
CA LEU A 99 -11.86 30.27 8.04
C LEU A 99 -12.59 31.52 7.60
N GLU A 100 -11.88 32.44 6.97
CA GLU A 100 -12.56 33.65 6.46
C GLU A 100 -13.66 33.29 5.49
N LEU A 101 -13.46 32.25 4.67
CA LEU A 101 -14.44 31.91 3.64
C LEU A 101 -15.59 31.09 4.22
N GLY A 102 -15.51 30.68 5.48
CA GLY A 102 -16.64 30.02 6.13
C GLY A 102 -16.39 28.60 6.56
N ALA A 103 -15.20 28.04 6.41
CA ALA A 103 -14.92 26.73 7.00
C ALA A 103 -15.05 26.81 8.51
N THR A 104 -15.52 25.72 9.14
CA THR A 104 -15.70 25.75 10.59
C THR A 104 -14.91 24.66 11.32
N MET A 105 -14.01 24.01 10.60
CA MET A 105 -13.15 22.95 11.12
C MET A 105 -11.84 22.96 10.36
N ILE A 106 -10.72 22.89 11.08
CA ILE A 106 -9.41 22.74 10.46
C ILE A 106 -8.86 21.43 10.96
N ASN A 107 -8.48 20.56 10.03
CA ASN A 107 -7.90 19.26 10.37
C ASN A 107 -6.40 19.32 10.05
N ASP A 108 -5.55 19.23 11.09
CA ASP A 108 -4.10 19.39 10.95
C ASP A 108 -3.43 18.06 11.29
N VAL A 109 -2.95 17.35 10.23
CA VAL A 109 -2.30 16.05 10.45
C VAL A 109 -0.96 16.18 11.18
N SER A 110 -0.48 17.41 11.42
CA SER A 110 0.73 17.64 12.22
C SER A 110 0.39 17.98 13.67
N ALA A 111 -0.89 18.09 14.01
CA ALA A 111 -1.30 18.43 15.39
C ALA A 111 -0.68 19.75 15.84
N GLY A 112 -0.62 20.74 14.94
CA GLY A 112 -0.10 22.07 15.24
C GLY A 112 1.40 22.21 15.27
N ARG A 113 2.13 21.15 14.89
CA ARG A 113 3.58 21.17 14.93
C ARG A 113 4.21 21.80 13.70
N ALA A 114 3.59 21.68 12.54
CA ALA A 114 4.29 22.03 11.33
C ALA A 114 4.35 23.53 11.15
N ASP A 115 3.33 24.24 11.60
CA ASP A 115 3.32 25.70 11.46
C ASP A 115 3.06 26.32 12.81
N PRO A 116 4.05 26.95 13.43
CA PRO A 116 3.83 27.51 14.79
C PRO A 116 2.72 28.55 14.85
N LYS A 117 2.29 29.12 13.73
CA LYS A 117 1.23 30.13 13.70
C LYS A 117 -0.19 29.54 13.59
N LEU A 118 -0.33 28.23 13.28
CA LEU A 118 -1.66 27.71 12.98
C LEU A 118 -2.55 27.74 14.23
N PHE A 119 -2.00 27.38 15.40
CA PHE A 119 -2.84 27.36 16.61
C PHE A 119 -3.48 28.72 16.83
N GLY A 120 -2.67 29.79 16.75
CA GLY A 120 -3.21 31.12 16.96
C GLY A 120 -4.30 31.49 15.95
N VAL A 121 -4.12 31.09 14.69
CA VAL A 121 -5.13 31.36 13.67
C VAL A 121 -6.47 30.75 14.09
N VAL A 122 -6.43 29.49 14.51
CA VAL A 122 -7.66 28.86 14.95
C VAL A 122 -8.14 29.45 16.26
N ALA A 123 -7.22 29.80 17.16
CA ALA A 123 -7.67 30.43 18.40
C ALA A 123 -8.50 31.67 18.12
N ARG A 124 -8.12 32.44 17.12
CA ARG A 124 -8.81 33.66 16.72
C ARG A 124 -9.92 33.35 15.72
N SER A 125 -10.72 32.35 16.06
CA SER A 125 -11.88 32.00 15.25
C SER A 125 -12.89 31.31 16.16
N ASN A 126 -13.99 30.89 15.59
CA ASN A 126 -14.86 29.99 16.31
C ASN A 126 -14.85 28.59 15.71
N ALA A 127 -13.75 28.23 15.04
CA ALA A 127 -13.66 26.92 14.43
C ALA A 127 -13.12 25.90 15.41
N GLN A 128 -13.40 24.63 15.10
CA GLN A 128 -12.76 23.54 15.80
C GLN A 128 -11.49 23.13 15.08
N ILE A 129 -10.55 22.57 15.84
CA ILE A 129 -9.31 22.04 15.27
C ILE A 129 -9.26 20.55 15.56
N VAL A 130 -8.88 19.76 14.56
CA VAL A 130 -8.63 18.32 14.75
C VAL A 130 -7.11 18.15 14.88
N LEU A 131 -6.65 17.58 16.00
CA LEU A 131 -5.23 17.28 16.24
C LEU A 131 -5.06 15.77 16.10
N MET A 132 -4.35 15.34 15.07
CA MET A 132 -4.02 13.93 14.83
C MET A 132 -2.64 13.56 15.33
N TYR A 133 -2.55 12.37 15.92
CA TYR A 133 -1.22 11.81 16.18
C TYR A 133 -0.61 11.29 14.90
N SER A 134 0.70 11.54 14.72
CA SER A 134 1.51 10.90 13.68
CA SER A 134 1.47 10.82 13.73
C SER A 134 2.86 10.57 14.30
N LYS A 135 3.45 9.46 13.85
CA LYS A 135 4.74 9.04 14.31
C LYS A 135 5.88 9.93 13.81
N ASP A 136 5.64 10.80 12.84
CA ASP A 136 6.69 11.60 12.25
C ASP A 136 6.42 13.07 12.53
N THR A 137 7.48 13.85 12.58
CA THR A 137 7.28 15.31 12.67
C THR A 137 6.79 15.90 11.35
N ASP A 138 7.28 15.38 10.23
CA ASP A 138 6.84 15.88 8.92
C ASP A 138 5.39 15.48 8.70
N PRO A 139 4.53 16.44 8.32
CA PRO A 139 3.13 16.09 8.11
C PRO A 139 2.94 15.04 7.02
N HIS A 140 3.88 14.97 6.07
CA HIS A 140 3.89 13.91 5.05
C HIS A 140 4.46 12.66 5.67
N THR A 141 3.59 11.69 5.93
CA THR A 141 4.03 10.57 6.76
C THR A 141 4.86 9.58 5.95
N SER A 142 5.68 8.82 6.67
CA SER A 142 6.62 7.91 6.00
C SER A 142 6.09 6.47 5.95
N PHE A 143 6.65 5.70 4.99
CA PHE A 143 6.59 4.24 5.10
C PHE A 143 7.60 3.80 6.17
N ASP A 144 7.12 3.20 7.26
CA ASP A 144 8.00 2.81 8.36
C ASP A 144 7.24 1.90 9.29
N GLU A 145 7.75 0.67 9.47
CA GLU A 145 7.08 -0.29 10.37
C GLU A 145 7.43 -0.01 11.83
N ARG A 146 7.04 1.17 12.25
CA ARG A 146 7.34 1.65 13.59
C ARG A 146 6.74 0.70 14.62
N GLN A 147 7.56 0.25 15.55
CA GLN A 147 7.05 -0.56 16.65
C GLN A 147 6.85 0.29 17.90
N TYR A 148 6.06 -0.22 18.84
CA TYR A 148 5.75 0.47 20.09
C TYR A 148 5.71 -0.54 21.23
N VAL A 149 6.19 -0.11 22.41
CA VAL A 149 6.00 -0.89 23.63
C VAL A 149 4.54 -0.86 24.03
N ASP A 150 3.90 0.30 23.87
CA ASP A 150 2.50 0.49 24.30
C ASP A 150 1.95 1.67 23.49
N VAL A 151 1.44 1.38 22.29
CA VAL A 151 1.07 2.49 21.39
C VAL A 151 -0.03 3.34 22.01
N VAL A 152 -0.90 2.74 22.83
CA VAL A 152 -1.97 3.53 23.45
C VAL A 152 -1.39 4.59 24.39
N ARG A 153 -0.40 4.19 25.21
CA ARG A 153 0.26 5.15 26.09
C ARG A 153 0.95 6.26 25.31
N THR A 154 1.70 5.87 24.26
CA THR A 154 2.40 6.85 23.44
C THR A 154 1.46 7.88 22.86
N VAL A 155 0.39 7.40 22.21
CA VAL A 155 -0.56 8.29 21.53
C VAL A 155 -1.33 9.11 22.53
N TYR A 156 -1.74 8.50 23.64
CA TYR A 156 -2.45 9.25 24.66
C TYR A 156 -1.58 10.40 25.17
N ASP A 157 -0.34 10.10 25.52
CA ASP A 157 0.48 11.17 26.09
C ASP A 157 0.74 12.25 25.05
N PHE A 158 0.90 11.84 23.78
CA PHE A 158 1.11 12.82 22.71
C PHE A 158 -0.10 13.75 22.59
N LEU A 159 -1.30 13.17 22.54
CA LEU A 159 -2.51 13.99 22.39
C LEU A 159 -2.74 14.85 23.62
N ALA A 160 -2.43 14.35 24.82
CA ALA A 160 -2.49 15.18 26.02
C ALA A 160 -1.61 16.41 25.88
N GLU A 161 -0.39 16.22 25.37
CA GLU A 161 0.55 17.33 25.24
C GLU A 161 0.10 18.29 24.14
N ARG A 162 -0.42 17.77 23.03
CA ARG A 162 -0.90 18.67 21.98
C ARG A 162 -2.14 19.44 22.43
N LYS A 163 -3.05 18.79 23.18
CA LYS A 163 -4.17 19.53 23.76
C LYS A 163 -3.69 20.65 24.65
N LYS A 164 -2.68 20.36 25.51
CA LYS A 164 -2.10 21.38 26.40
C LYS A 164 -1.57 22.56 25.59
N ALA A 165 -0.86 22.27 24.50
CA ALA A 165 -0.29 23.31 23.65
C ALA A 165 -1.38 24.12 22.97
N ALA A 166 -2.44 23.45 22.49
CA ALA A 166 -3.53 24.16 21.82
C ALA A 166 -4.24 25.09 22.78
N MET A 167 -4.49 24.61 24.00
CA MET A 167 -5.09 25.46 25.02
C MET A 167 -4.19 26.62 25.39
N SER A 168 -2.88 26.38 25.48
CA SER A 168 -1.96 27.47 25.82
CA SER A 168 -1.96 27.48 25.82
C SER A 168 -2.00 28.57 24.77
N ALA A 169 -2.24 28.22 23.52
CA ALA A 169 -2.32 29.15 22.40
C ALA A 169 -3.66 29.84 22.31
N GLY A 170 -4.60 29.48 23.18
CA GLY A 170 -5.90 30.13 23.23
C GLY A 170 -7.10 29.35 22.71
N ILE A 171 -6.96 28.08 22.37
CA ILE A 171 -8.07 27.27 21.87
C ILE A 171 -8.69 26.54 23.07
N PRO A 172 -9.96 26.74 23.37
CA PRO A 172 -10.56 26.02 24.51
C PRO A 172 -10.79 24.55 24.18
N ALA A 173 -10.83 23.73 25.25
CA ALA A 173 -11.02 22.29 25.07
C ALA A 173 -12.21 21.95 24.20
N ASP A 174 -13.30 22.75 24.33
CA ASP A 174 -14.50 22.39 23.60
C ASP A 174 -14.40 22.72 22.12
N ARG A 175 -13.29 23.29 21.65
CA ARG A 175 -13.06 23.41 20.23
C ARG A 175 -11.88 22.56 19.78
N ILE A 176 -11.39 21.64 20.64
CA ILE A 176 -10.31 20.73 20.28
C ILE A 176 -10.88 19.34 20.07
N ILE A 177 -10.58 18.75 18.92
CA ILE A 177 -10.97 17.38 18.60
C ILE A 177 -9.70 16.55 18.46
N LEU A 178 -9.70 15.32 18.98
CA LEU A 178 -8.49 14.51 18.94
C LEU A 178 -8.68 13.29 18.06
N ASP A 179 -7.62 12.93 17.34
CA ASP A 179 -7.60 11.75 16.47
C ASP A 179 -6.35 10.95 16.80
N THR A 180 -6.48 9.65 17.09
CA THR A 180 -5.29 8.85 17.41
C THR A 180 -4.38 8.65 16.20
N GLY A 181 -4.86 8.98 15.00
CA GLY A 181 -4.21 8.48 13.80
C GLY A 181 -4.58 7.03 13.56
N LEU A 182 -4.50 6.64 12.30
CA LEU A 182 -4.63 5.24 11.93
C LEU A 182 -3.73 4.99 10.71
N GLY A 183 -3.48 3.71 10.42
CA GLY A 183 -2.71 3.38 9.20
C GLY A 183 -1.26 3.87 9.35
N HIS A 184 -0.67 4.27 8.21
CA HIS A 184 0.75 4.60 8.20
C HIS A 184 1.09 5.75 9.14
N PHE A 185 0.16 6.65 9.41
CA PHE A 185 0.45 7.74 10.37
C PHE A 185 0.88 7.18 11.72
N VAL A 186 0.27 6.07 12.12
CA VAL A 186 0.65 5.40 13.35
C VAL A 186 1.83 4.47 13.11
N SER A 187 1.70 3.61 12.10
CA SER A 187 2.75 2.65 11.77
C SER A 187 2.38 1.92 10.50
N SER A 188 3.37 1.59 9.69
CA SER A 188 3.12 0.71 8.57
C SER A 188 2.87 -0.72 9.03
N ASP A 189 3.07 -1.00 10.31
CA ASP A 189 2.63 -2.29 10.89
C ASP A 189 1.19 -2.14 11.34
N PRO A 190 0.24 -2.91 10.78
CA PRO A 190 -1.17 -2.65 11.08
C PRO A 190 -1.58 -2.92 12.52
N GLN A 191 -0.82 -3.72 13.30
CA GLN A 191 -1.33 -4.13 14.61
C GLN A 191 -1.63 -2.93 15.49
N TYR A 192 -0.88 -1.83 15.31
CA TYR A 192 -1.04 -0.71 16.21
C TYR A 192 -2.33 0.06 15.95
N SER A 193 -2.80 0.07 14.68
CA SER A 193 -4.10 0.69 14.39
C SER A 193 -5.23 -0.08 15.05
N PHE A 194 -5.14 -1.41 15.02
CA PHE A 194 -6.19 -2.20 15.65
C PHE A 194 -6.19 -1.99 17.17
N GLN A 195 -5.00 -1.85 17.76
CA GLN A 195 -4.89 -1.65 19.20
C GLN A 195 -5.51 -0.32 19.60
N LEU A 196 -5.28 0.73 18.81
CA LEU A 196 -5.91 2.03 19.09
C LEU A 196 -7.42 1.95 18.99
N LEU A 197 -7.96 1.22 17.98
CA LEU A 197 -9.40 1.05 17.90
C LEU A 197 -9.94 0.29 19.13
N ALA A 198 -9.18 -0.70 19.58
CA ALA A 198 -9.60 -1.53 20.72
C ALA A 198 -9.73 -0.70 21.98
N HIS A 199 -8.84 0.28 22.13
CA HIS A 199 -8.70 1.07 23.35
C HIS A 199 -9.11 2.50 23.16
N LEU A 200 -9.91 2.79 22.12
CA LEU A 200 -10.27 4.19 21.86
C LEU A 200 -10.99 4.83 23.06
N SER A 201 -11.76 4.05 23.83
CA SER A 201 -12.50 4.67 24.93
C SER A 201 -11.55 5.25 25.97
N ASP A 202 -10.30 4.74 26.06
CA ASP A 202 -9.33 5.30 27.01
C ASP A 202 -9.09 6.78 26.72
N PHE A 203 -9.24 7.18 25.46
CA PHE A 203 -8.96 8.57 25.10
C PHE A 203 -10.05 9.53 25.52
N GLN A 204 -11.22 9.01 25.93
CA GLN A 204 -12.27 9.91 26.36
C GLN A 204 -11.88 10.68 27.61
N ASP A 205 -10.90 10.18 28.38
CA ASP A 205 -10.47 10.90 29.58
C ASP A 205 -9.83 12.25 29.26
N LEU A 206 -9.42 12.48 28.02
CA LEU A 206 -8.82 13.76 27.67
C LEU A 206 -9.87 14.87 27.52
N GLY A 207 -11.16 14.52 27.58
CA GLY A 207 -12.20 15.52 27.62
C GLY A 207 -12.54 16.18 26.31
N CYS A 208 -12.15 15.57 25.17
CA CYS A 208 -12.36 16.13 23.84
C CYS A 208 -13.14 15.16 22.96
N LYS A 209 -13.92 15.72 22.01
CA LYS A 209 -14.51 14.89 20.99
C LYS A 209 -13.40 14.15 20.21
N LEU A 210 -13.75 12.96 19.70
CA LEU A 210 -12.83 12.06 19.03
C LEU A 210 -13.21 11.92 17.56
N PHE A 211 -12.19 11.88 16.71
CA PHE A 211 -12.35 11.88 15.24
C PHE A 211 -11.45 10.76 14.75
N LEU A 212 -11.98 9.86 13.92
CA LEU A 212 -11.08 8.83 13.37
C LEU A 212 -11.41 8.62 11.90
N SER A 213 -10.46 8.03 11.19
CA SER A 213 -10.63 7.81 9.74
C SER A 213 -10.08 6.46 9.29
N PRO A 214 -10.83 5.37 9.51
CA PRO A 214 -10.35 4.08 8.97
C PRO A 214 -10.20 4.12 7.46
N SER A 215 -11.23 4.63 6.76
CA SER A 215 -11.28 4.97 5.35
C SER A 215 -10.39 4.16 4.39
N ARG A 216 -10.61 2.86 4.34
CA ARG A 216 -9.91 1.99 3.37
C ARG A 216 -8.38 2.09 3.45
N LYS A 217 -7.85 2.47 4.62
CA LYS A 217 -6.40 2.50 4.78
C LYS A 217 -5.81 1.09 4.68
N SER A 218 -4.52 1.05 4.40
CA SER A 218 -3.87 -0.25 4.16
C SER A 218 -3.83 -1.14 5.43
N PHE A 219 -4.01 -0.61 6.65
CA PHE A 219 -4.09 -1.54 7.81
C PHE A 219 -5.29 -2.45 7.72
N LEU A 220 -6.28 -2.11 6.88
CA LEU A 220 -7.44 -2.99 6.66
C LEU A 220 -7.20 -4.05 5.60
N ALA A 221 -5.98 -4.19 5.09
CA ALA A 221 -5.72 -5.18 4.02
C ALA A 221 -5.88 -6.61 4.53
N GLY A 222 -5.68 -6.85 5.82
CA GLY A 222 -5.91 -8.20 6.34
C GLY A 222 -5.00 -9.29 5.80
N ASN A 223 -5.38 -10.53 6.14
CA ASN A 223 -4.63 -11.70 5.69
C ASN A 223 -4.63 -11.84 4.18
N GLU A 224 -5.70 -11.40 3.51
CA GLU A 224 -5.79 -11.56 2.07
C GLU A 224 -5.02 -10.50 1.31
N LEU A 225 -4.43 -9.53 1.99
CA LEU A 225 -3.73 -8.41 1.31
C LEU A 225 -4.67 -7.68 0.35
N LEU A 226 -5.84 -7.35 0.86
CA LEU A 226 -6.89 -6.73 0.07
C LEU A 226 -6.46 -5.36 -0.43
N LYS A 227 -6.65 -5.11 -1.73
CA LYS A 227 -6.49 -3.78 -2.32
C LYS A 227 -7.66 -2.87 -1.91
N THR A 228 -7.55 -1.60 -2.31
CA THR A 228 -8.47 -0.57 -1.81
C THR A 228 -9.90 -0.88 -2.17
N ALA A 229 -10.12 -1.40 -3.39
CA ALA A 229 -11.48 -1.67 -3.82
C ALA A 229 -12.16 -2.70 -2.96
N ASP A 230 -11.39 -3.54 -2.25
CA ASP A 230 -11.96 -4.64 -1.48
C ASP A 230 -12.03 -4.36 0.02
N ARG A 231 -11.72 -3.13 0.46
CA ARG A 231 -11.63 -2.83 1.87
C ARG A 231 -12.91 -2.18 2.43
N LEU A 232 -14.02 -2.19 1.68
CA LEU A 232 -15.21 -1.55 2.24
C LEU A 232 -15.78 -2.34 3.41
N PRO A 233 -15.91 -3.66 3.37
CA PRO A 233 -16.39 -4.33 4.59
C PRO A 233 -15.53 -4.05 5.80
N GLY A 234 -14.20 -4.03 5.63
CA GLY A 234 -13.34 -3.76 6.77
C GLY A 234 -13.45 -2.33 7.25
N THR A 235 -13.66 -1.39 6.31
CA THR A 235 -13.85 0.01 6.72
C THR A 235 -15.15 0.19 7.50
N ILE A 236 -16.19 -0.49 7.06
CA ILE A 236 -17.45 -0.45 7.80
C ILE A 236 -17.27 -1.01 9.21
N ALA A 237 -16.63 -2.16 9.33
CA ALA A 237 -16.45 -2.79 10.64
C ALA A 237 -15.59 -1.92 11.55
N ALA A 238 -14.50 -1.39 11.01
CA ALA A 238 -13.60 -0.57 11.83
C ALA A 238 -14.29 0.72 12.25
N SER A 239 -15.03 1.35 11.32
CA SER A 239 -15.71 2.62 11.65
C SER A 239 -16.82 2.38 12.65
N ALA A 240 -17.53 1.26 12.51
CA ALA A 240 -18.58 0.93 13.48
C ALA A 240 -17.99 0.71 14.87
N ILE A 241 -16.89 -0.06 14.97
CA ILE A 241 -16.31 -0.30 16.29
C ILE A 241 -15.72 1.00 16.84
N ALA A 242 -15.18 1.86 15.97
CA ALA A 242 -14.68 3.17 16.45
C ALA A 242 -15.81 3.95 17.13
N VAL A 243 -16.97 4.02 16.49
CA VAL A 243 -18.13 4.66 17.12
C VAL A 243 -18.53 3.94 18.39
N LEU A 244 -18.64 2.61 18.36
CA LEU A 244 -18.92 1.88 19.59
C LEU A 244 -18.01 2.31 20.74
N HIS A 245 -16.74 2.56 20.43
CA HIS A 245 -15.71 2.87 21.42
C HIS A 245 -15.49 4.36 21.62
N GLY A 246 -16.34 5.21 21.10
CA GLY A 246 -16.36 6.63 21.46
C GLY A 246 -16.11 7.62 20.35
N ALA A 247 -15.93 7.21 19.10
CA ALA A 247 -15.74 8.21 18.04
C ALA A 247 -16.97 9.11 17.88
N ASP A 248 -16.72 10.41 17.80
CA ASP A 248 -17.77 11.39 17.52
C ASP A 248 -17.82 11.83 16.06
N TYR A 249 -16.73 11.63 15.31
CA TYR A 249 -16.65 11.91 13.89
C TYR A 249 -16.00 10.72 13.21
N ILE A 250 -16.50 10.36 12.05
CA ILE A 250 -15.83 9.38 11.18
C ILE A 250 -15.63 10.01 9.81
N ARG A 251 -14.38 10.09 9.36
CA ARG A 251 -14.01 10.64 8.07
C ARG A 251 -13.95 9.47 7.06
N THR A 252 -14.63 9.61 5.93
CA THR A 252 -14.76 8.44 5.03
C THR A 252 -15.05 8.87 3.61
N HIS A 253 -14.65 8.04 2.61
CA HIS A 253 -15.09 8.19 1.23
CA HIS A 253 -15.10 8.19 1.23
C HIS A 253 -16.44 7.51 0.97
N ASP A 254 -16.84 6.61 1.82
CA ASP A 254 -18.00 5.75 1.55
C ASP A 254 -19.13 6.17 2.47
N VAL A 255 -19.64 7.38 2.21
CA VAL A 255 -20.50 8.02 3.22
C VAL A 255 -21.75 7.17 3.47
N LEU A 256 -22.43 6.75 2.39
CA LEU A 256 -23.68 6.00 2.54
C LEU A 256 -23.47 4.77 3.43
N GLU A 257 -22.50 3.94 3.08
CA GLU A 257 -22.37 2.64 3.76
C GLU A 257 -21.83 2.81 5.18
N VAL A 258 -20.87 3.71 5.37
CA VAL A 258 -20.29 3.89 6.68
C VAL A 258 -21.26 4.61 7.60
N ARG A 259 -22.05 5.54 7.07
CA ARG A 259 -23.12 6.14 7.90
C ARG A 259 -24.05 5.04 8.40
N ARG A 260 -24.43 4.14 7.51
CA ARG A 260 -25.40 3.13 7.89
C ARG A 260 -24.79 2.15 8.87
N GLY A 261 -23.54 1.76 8.66
CA GLY A 261 -22.90 0.85 9.60
C GLY A 261 -22.72 1.52 10.96
N CYS A 262 -22.36 2.81 10.95
CA CYS A 262 -22.17 3.48 12.24
C CYS A 262 -23.49 3.66 13.00
N GLU A 263 -24.62 3.83 12.27
CA GLU A 263 -25.91 3.96 12.93
C GLU A 263 -26.18 2.74 13.77
N ILE A 264 -25.72 1.57 13.30
CA ILE A 264 -25.93 0.32 14.04
C ILE A 264 -25.09 0.31 15.32
N ALA A 265 -23.85 0.81 15.25
CA ALA A 265 -23.03 0.98 16.43
C ALA A 265 -23.71 1.90 17.45
N THR A 266 -24.24 3.03 16.98
CA THR A 266 -24.95 3.94 17.89
C THR A 266 -26.11 3.23 18.58
N ALA A 267 -26.86 2.42 17.82
CA ALA A 267 -28.01 1.74 18.40
C ALA A 267 -27.56 0.73 19.47
N ILE A 268 -26.46 0.05 19.23
CA ILE A 268 -25.92 -0.87 20.24
C ILE A 268 -25.50 -0.10 21.50
N ASN A 269 -24.95 1.11 21.35
CA ASN A 269 -24.59 1.96 22.49
C ASN A 269 -25.78 2.54 23.21
N GLN A 270 -26.98 2.41 22.67
CA GLN A 270 -28.13 3.07 23.24
C GLN A 270 -28.68 2.27 24.43
N PRO A 271 -28.62 2.80 25.65
CA PRO A 271 -29.15 2.06 26.82
C PRO A 271 -30.66 1.89 26.72
N PRO A 272 -31.20 0.90 27.41
CA PRO A 272 -32.64 0.64 27.39
C PRO A 272 -33.42 1.80 27.99
N GLU A 273 -34.73 1.69 27.83
CA GLU A 273 -35.67 2.68 28.34
C GLU A 273 -35.53 2.79 29.86
N ARG A 274 -35.45 4.03 30.33
CA ARG A 274 -35.15 4.31 31.73
C ARG A 274 -36.43 4.60 32.52
N GLN B 1 19.72 -10.75 -36.84
CA GLN B 1 18.90 -11.97 -36.77
C GLN B 1 17.85 -11.82 -35.61
N GLY B 2 16.97 -12.81 -35.44
CA GLY B 2 15.76 -12.62 -34.64
C GLY B 2 16.05 -12.49 -33.16
N MET B 3 15.48 -11.48 -32.52
CA MET B 3 15.63 -11.27 -31.08
C MET B 3 14.51 -12.03 -30.39
N ALA B 4 14.86 -12.88 -29.43
CA ALA B 4 13.87 -13.69 -28.74
C ALA B 4 12.95 -12.81 -27.90
N LYS B 5 11.69 -13.20 -27.84
CA LYS B 5 10.72 -12.55 -26.96
C LYS B 5 11.08 -12.76 -25.48
N VAL B 6 10.58 -11.87 -24.64
CA VAL B 6 10.70 -12.06 -23.19
C VAL B 6 9.82 -13.24 -22.77
N LYS B 7 10.26 -13.96 -21.75
CA LYS B 7 9.43 -14.99 -21.13
C LYS B 7 8.53 -14.32 -20.09
N ILE B 8 7.21 -14.50 -20.22
CA ILE B 8 6.27 -13.90 -19.30
C ILE B 8 5.95 -14.93 -18.22
N VAL B 9 6.12 -14.52 -16.98
CA VAL B 9 5.97 -15.39 -15.81
C VAL B 9 4.68 -14.96 -15.12
N GLY B 10 3.65 -15.81 -15.20
CA GLY B 10 2.35 -15.46 -14.67
C GLY B 10 2.28 -15.85 -13.20
N ILE B 11 1.75 -14.97 -12.38
CA ILE B 11 1.70 -15.19 -10.94
C ILE B 11 0.46 -15.99 -10.57
N LEU B 12 0.65 -17.10 -9.87
CA LEU B 12 -0.44 -17.90 -9.32
C LEU B 12 -0.18 -18.00 -7.82
N ASN B 13 -0.81 -17.13 -7.03
CA ASN B 13 -0.65 -17.20 -5.58
C ASN B 13 -1.77 -18.05 -5.00
N VAL B 14 -1.43 -18.99 -4.12
CA VAL B 14 -2.41 -19.90 -3.53
C VAL B 14 -2.59 -19.48 -2.07
N THR B 15 -3.73 -18.84 -1.76
CA THR B 15 -4.02 -18.38 -0.40
C THR B 15 -5.36 -18.90 0.07
N PRO B 16 -5.45 -19.33 1.33
CA PRO B 16 -6.62 -20.11 1.79
C PRO B 16 -7.97 -19.40 1.68
N ASN B 17 -8.07 -18.13 2.08
CA ASN B 17 -9.33 -17.37 2.14
C ASN B 17 -10.25 -17.88 3.24
N SER B 18 -9.69 -18.54 4.24
CA SER B 18 -10.36 -19.00 5.45
C SER B 18 -9.26 -19.47 6.38
N PHE B 19 -9.26 -19.03 7.64
CA PHE B 19 -8.12 -19.39 8.47
C PHE B 19 -8.27 -20.83 8.97
N HIS B 20 -9.50 -21.28 9.17
CA HIS B 20 -9.74 -22.65 9.61
C HIS B 20 -9.58 -23.61 8.44
N ASP B 21 -9.03 -24.80 8.72
CA ASP B 21 -8.75 -25.76 7.68
C ASP B 21 -10.04 -26.46 7.24
N GLY B 22 -10.14 -26.72 5.94
CA GLY B 22 -11.36 -27.21 5.33
C GLY B 22 -11.64 -26.47 4.03
N GLY B 23 -12.21 -27.16 3.05
CA GLY B 23 -12.41 -26.53 1.75
C GLY B 23 -11.12 -26.31 0.97
N ARG B 24 -10.22 -27.29 0.98
CA ARG B 24 -8.99 -27.18 0.21
C ARG B 24 -9.18 -27.56 -1.24
N PHE B 25 -10.06 -28.53 -1.53
CA PHE B 25 -10.34 -28.87 -2.92
C PHE B 25 -10.87 -27.66 -3.68
N VAL B 26 -11.67 -26.82 -3.04
CA VAL B 26 -12.26 -25.68 -3.75
C VAL B 26 -11.16 -24.71 -4.18
N GLU B 27 -10.21 -24.43 -3.29
CA GLU B 27 -9.12 -23.53 -3.65
C GLU B 27 -8.22 -24.13 -4.71
N THR B 28 -7.98 -25.44 -4.64
CA THR B 28 -7.16 -26.10 -5.66
C THR B 28 -7.81 -25.98 -7.04
N ASP B 29 -9.11 -26.28 -7.14
CA ASP B 29 -9.83 -26.12 -8.40
C ASP B 29 -9.76 -24.69 -8.90
N LYS B 30 -9.86 -23.70 -8.00
CA LYS B 30 -9.77 -22.32 -8.44
C LYS B 30 -8.39 -22.05 -9.03
N ALA B 31 -7.36 -22.63 -8.43
CA ALA B 31 -6.00 -22.34 -8.89
C ALA B 31 -5.73 -22.94 -10.26
N VAL B 32 -6.24 -24.14 -10.52
CA VAL B 32 -6.08 -24.73 -11.85
C VAL B 32 -6.82 -23.90 -12.89
N VAL B 33 -8.01 -23.41 -12.53
CA VAL B 33 -8.72 -22.52 -13.44
C VAL B 33 -7.84 -21.32 -13.79
N ARG B 34 -7.22 -20.70 -12.78
CA ARG B 34 -6.36 -19.55 -13.04
C ARG B 34 -5.15 -19.91 -13.88
N ALA B 35 -4.57 -21.10 -13.65
CA ALA B 35 -3.40 -21.47 -14.44
C ALA B 35 -3.75 -21.57 -15.93
N ARG B 36 -4.93 -22.10 -16.27
CA ARG B 36 -5.34 -22.14 -17.68
C ARG B 36 -5.56 -20.75 -18.22
N GLU B 37 -6.17 -19.87 -17.43
CA GLU B 37 -6.34 -18.50 -17.89
C GLU B 37 -4.99 -17.84 -18.12
N LEU B 38 -4.02 -18.07 -17.22
CA LEU B 38 -2.70 -17.48 -17.44
C LEU B 38 -2.07 -18.00 -18.73
N LEU B 39 -2.16 -19.30 -18.98
CA LEU B 39 -1.65 -19.86 -20.24
C LEU B 39 -2.39 -19.27 -21.44
N SER B 40 -3.71 -19.13 -21.31
CA SER B 40 -4.54 -18.56 -22.37
C SER B 40 -4.09 -17.14 -22.73
N GLN B 41 -3.68 -16.37 -21.75
CA GLN B 41 -3.23 -14.99 -21.99
C GLN B 41 -1.81 -14.91 -22.55
N GLY B 42 -1.07 -16.01 -22.56
CA GLY B 42 0.27 -16.05 -23.12
C GLY B 42 1.41 -16.18 -22.14
N ALA B 43 1.14 -16.59 -20.88
CA ALA B 43 2.25 -16.83 -19.95
C ALA B 43 3.10 -17.99 -20.42
N ASP B 44 4.42 -17.82 -20.31
CA ASP B 44 5.35 -18.90 -20.61
C ASP B 44 5.62 -19.81 -19.43
N ILE B 45 5.53 -19.26 -18.21
CA ILE B 45 5.82 -19.99 -16.97
C ILE B 45 4.70 -19.63 -16.00
N ILE B 46 4.25 -20.61 -15.23
CA ILE B 46 3.26 -20.40 -14.17
C ILE B 46 4.03 -20.46 -12.87
N GLU B 47 4.04 -19.34 -12.14
CA GLU B 47 4.82 -19.24 -10.91
C GLU B 47 3.89 -19.43 -9.71
N ILE B 48 4.05 -20.55 -9.00
CA ILE B 48 3.16 -20.96 -7.91
C ILE B 48 3.84 -20.64 -6.57
N GLY B 49 3.11 -19.97 -5.69
CA GLY B 49 3.64 -19.68 -4.38
C GLY B 49 2.59 -19.78 -3.31
N GLY B 50 2.97 -20.26 -2.13
CA GLY B 50 2.04 -20.36 -1.04
C GLY B 50 2.32 -19.37 0.07
N GLU B 51 3.36 -18.57 -0.07
CA GLU B 51 3.72 -17.63 1.00
C GLU B 51 4.00 -16.28 0.37
N SER B 52 3.24 -15.27 0.74
CA SER B 52 3.57 -13.93 0.27
C SER B 52 4.78 -13.42 1.03
N THR B 53 5.60 -12.57 0.36
CA THR B 53 6.73 -11.95 1.05
C THR B 53 6.77 -10.43 0.96
N GLY B 54 5.75 -9.80 0.40
CA GLY B 54 5.68 -8.35 0.46
C GLY B 54 5.46 -7.82 1.86
N PRO B 55 5.57 -6.51 2.03
CA PRO B 55 5.37 -5.93 3.36
C PRO B 55 3.97 -6.26 3.88
N GLY B 56 3.91 -6.56 5.16
CA GLY B 56 2.69 -6.95 5.84
C GLY B 56 2.35 -8.41 5.73
N SER B 57 3.14 -9.20 4.99
CA SER B 57 2.83 -10.60 4.76
C SER B 57 3.10 -11.47 5.99
N ASN B 58 2.35 -12.57 6.11
CA ASN B 58 2.54 -13.52 7.21
C ASN B 58 3.59 -14.57 6.85
N THR B 59 4.41 -14.94 7.82
CA THR B 59 5.31 -16.07 7.69
C THR B 59 4.51 -17.36 7.88
N ILE B 60 4.73 -18.36 7.02
CA ILE B 60 4.00 -19.62 7.21
C ILE B 60 5.00 -20.77 7.26
N THR B 61 4.59 -21.86 7.88
CA THR B 61 5.50 -22.99 8.03
C THR B 61 5.66 -23.75 6.72
N ALA B 62 6.75 -24.52 6.63
CA ALA B 62 6.94 -25.36 5.46
C ALA B 62 5.74 -26.29 5.26
N ASP B 63 5.22 -26.88 6.35
CA ASP B 63 4.09 -27.80 6.23
C ASP B 63 2.88 -27.09 5.63
N GLU B 64 2.59 -25.87 6.11
CA GLU B 64 1.47 -25.11 5.57
C GLU B 64 1.74 -24.69 4.14
N GLU B 65 2.98 -24.32 3.82
CA GLU B 65 3.33 -23.93 2.47
C GLU B 65 3.14 -25.09 1.50
N LEU B 66 3.61 -26.27 1.88
CA LEU B 66 3.44 -27.45 1.03
C LEU B 66 1.98 -27.83 0.91
N ALA B 67 1.22 -27.68 1.99
CA ALA B 67 -0.20 -28.01 1.94
C ALA B 67 -0.93 -27.15 0.92
N ARG B 68 -0.51 -25.90 0.74
CA ARG B 68 -1.15 -25.04 -0.24
C ARG B 68 -0.72 -25.40 -1.65
N ILE B 69 0.58 -25.58 -1.86
CA ILE B 69 1.03 -25.62 -3.25
C ILE B 69 1.10 -27.03 -3.82
N VAL B 70 1.36 -28.05 -3.00
CA VAL B 70 1.56 -29.40 -3.56
C VAL B 70 0.33 -29.86 -4.35
N PRO B 71 -0.91 -29.75 -3.85
CA PRO B 71 -2.06 -30.17 -4.66
C PRO B 71 -2.19 -29.40 -5.94
N VAL B 72 -1.82 -28.12 -5.92
CA VAL B 72 -1.92 -27.29 -7.10
C VAL B 72 -0.89 -27.72 -8.15
N ILE B 73 0.37 -27.92 -7.73
CA ILE B 73 1.39 -28.35 -8.67
C ILE B 73 1.01 -29.71 -9.27
N ARG B 74 0.61 -30.65 -8.41
CA ARG B 74 0.22 -31.98 -8.88
C ARG B 74 -0.90 -31.88 -9.90
N ALA B 75 -1.88 -31.00 -9.66
CA ALA B 75 -3.03 -30.93 -10.56
C ALA B 75 -2.64 -30.30 -11.88
N ILE B 76 -1.76 -29.30 -11.86
CA ILE B 76 -1.31 -28.65 -13.10
C ILE B 76 -0.41 -29.58 -13.89
N ARG B 77 0.54 -30.24 -13.21
CA ARG B 77 1.40 -31.20 -13.91
C ARG B 77 0.57 -32.32 -14.55
N SER B 78 -0.49 -32.76 -13.87
CA SER B 78 -1.33 -33.86 -14.35
C SER B 78 -2.16 -33.44 -15.57
N SER B 79 -2.82 -32.30 -15.49
CA SER B 79 -3.78 -31.93 -16.53
C SER B 79 -3.19 -31.01 -17.59
N LEU B 80 -2.12 -30.29 -17.26
CA LEU B 80 -1.40 -29.47 -18.24
C LEU B 80 0.08 -29.81 -18.22
N PRO B 81 0.46 -31.02 -18.68
CA PRO B 81 1.86 -31.44 -18.55
C PRO B 81 2.81 -30.61 -19.40
N ASP B 82 2.31 -29.82 -20.37
CA ASP B 82 3.20 -29.02 -21.18
C ASP B 82 3.58 -27.70 -20.50
N ALA B 83 2.90 -27.34 -19.41
CA ALA B 83 3.14 -26.05 -18.79
C ALA B 83 4.40 -26.05 -17.93
N ASN B 84 5.19 -24.98 -18.06
CA ASN B 84 6.39 -24.81 -17.25
C ASN B 84 6.02 -24.18 -15.92
N ILE B 85 6.48 -24.78 -14.82
CA ILE B 85 6.11 -24.37 -13.47
C ILE B 85 7.34 -23.83 -12.74
N ALA B 86 7.20 -22.64 -12.15
CA ALA B 86 8.16 -22.09 -11.20
C ALA B 86 7.48 -22.11 -9.84
N VAL B 87 8.27 -22.23 -8.78
CA VAL B 87 7.75 -22.17 -7.42
C VAL B 87 8.53 -21.09 -6.69
N ASP B 88 7.78 -20.16 -6.08
CA ASP B 88 8.35 -19.08 -5.28
C ASP B 88 8.48 -19.60 -3.84
N THR B 89 9.70 -19.92 -3.41
CA THR B 89 9.91 -20.35 -2.02
C THR B 89 11.33 -20.02 -1.60
N TYR B 90 11.50 -19.78 -0.31
CA TYR B 90 12.83 -19.63 0.26
C TYR B 90 13.22 -20.84 1.10
N LYS B 91 12.40 -21.89 1.14
CA LYS B 91 12.59 -23.04 2.02
C LYS B 91 13.13 -24.24 1.24
N ALA B 92 14.24 -24.83 1.73
CA ALA B 92 14.85 -25.93 0.99
C ALA B 92 13.89 -27.11 0.85
N GLU B 93 13.15 -27.44 1.90
CA GLU B 93 12.30 -28.63 1.82
C GLU B 93 11.09 -28.38 0.91
N VAL B 94 10.61 -27.14 0.82
CA VAL B 94 9.56 -26.81 -0.15
C VAL B 94 10.11 -26.92 -1.56
N ALA B 95 11.31 -26.37 -1.79
CA ALA B 95 11.92 -26.47 -3.11
C ALA B 95 12.13 -27.93 -3.49
N ARG B 96 12.59 -28.76 -2.55
CA ARG B 96 12.88 -30.17 -2.86
C ARG B 96 11.64 -30.88 -3.36
N LYS B 97 10.51 -30.68 -2.66
CA LYS B 97 9.25 -31.30 -3.08
C LYS B 97 8.79 -30.74 -4.42
N ALA B 98 8.90 -29.43 -4.60
CA ALA B 98 8.49 -28.83 -5.87
C ALA B 98 9.32 -29.38 -7.02
N LEU B 99 10.63 -29.53 -6.83
CA LEU B 99 11.45 -30.08 -7.92
C LEU B 99 11.09 -31.52 -8.19
N GLU B 100 10.83 -32.31 -7.15
CA GLU B 100 10.43 -33.69 -7.35
C GLU B 100 9.16 -33.77 -8.19
N LEU B 101 8.30 -32.77 -8.06
CA LEU B 101 7.00 -32.75 -8.73
C LEU B 101 7.11 -32.22 -10.14
N GLY B 102 8.28 -31.71 -10.54
CA GLY B 102 8.50 -31.29 -11.90
C GLY B 102 8.57 -29.80 -12.11
N ALA B 103 8.63 -29.00 -11.04
CA ALA B 103 8.95 -27.58 -11.20
C ALA B 103 10.36 -27.44 -11.76
N THR B 104 10.57 -26.45 -12.61
CA THR B 104 11.90 -26.32 -13.21
C THR B 104 12.55 -24.98 -12.91
N MET B 105 11.94 -24.20 -12.03
CA MET B 105 12.53 -22.95 -11.59
C MET B 105 12.09 -22.70 -10.16
N ILE B 106 13.04 -22.22 -9.36
CA ILE B 106 12.79 -21.87 -7.97
C ILE B 106 13.11 -20.40 -7.84
N ASN B 107 12.15 -19.61 -7.37
CA ASN B 107 12.37 -18.18 -7.19
C ASN B 107 12.50 -17.91 -5.69
N ASP B 108 13.68 -17.44 -5.25
CA ASP B 108 13.98 -17.32 -3.81
C ASP B 108 14.21 -15.84 -3.51
N VAL B 109 13.21 -15.21 -2.89
CA VAL B 109 13.33 -13.79 -2.60
C VAL B 109 14.41 -13.49 -1.57
N SER B 110 15.04 -14.50 -0.95
CA SER B 110 16.16 -14.28 -0.03
C SER B 110 17.50 -14.52 -0.72
N ALA B 111 17.47 -14.94 -1.98
CA ALA B 111 18.68 -15.22 -2.76
C ALA B 111 19.55 -16.26 -2.07
N GLY B 112 18.89 -17.27 -1.51
CA GLY B 112 19.60 -18.37 -0.90
C GLY B 112 20.07 -18.13 0.52
N ARG B 113 19.74 -16.99 1.11
CA ARG B 113 20.20 -16.66 2.46
C ARG B 113 19.29 -17.23 3.54
N ALA B 114 18.01 -17.45 3.26
CA ALA B 114 17.11 -17.84 4.34
C ALA B 114 17.33 -19.29 4.76
N ASP B 115 17.64 -20.15 3.80
CA ASP B 115 17.82 -21.58 4.08
C ASP B 115 19.14 -22.03 3.47
N PRO B 116 20.17 -22.27 4.28
CA PRO B 116 21.46 -22.70 3.72
C PRO B 116 21.39 -23.97 2.89
N LYS B 117 20.34 -24.78 3.00
CA LYS B 117 20.25 -26.01 2.22
C LYS B 117 19.61 -25.82 0.85
N LEU B 118 19.04 -24.65 0.56
CA LEU B 118 18.26 -24.49 -0.67
C LEU B 118 19.17 -24.59 -1.91
N PHE B 119 20.35 -23.95 -1.87
CA PHE B 119 21.25 -23.99 -3.03
C PHE B 119 21.55 -25.43 -3.43
N GLY B 120 21.87 -26.28 -2.44
CA GLY B 120 22.21 -27.67 -2.75
C GLY B 120 21.06 -28.44 -3.37
N VAL B 121 19.85 -28.24 -2.86
CA VAL B 121 18.65 -28.86 -3.43
C VAL B 121 18.50 -28.47 -4.90
N VAL B 122 18.57 -27.17 -5.20
CA VAL B 122 18.52 -26.72 -6.59
C VAL B 122 19.68 -27.31 -7.37
N ALA B 123 20.87 -27.36 -6.75
CA ALA B 123 22.06 -27.84 -7.45
C ALA B 123 21.88 -29.27 -7.95
N ARG B 124 21.28 -30.13 -7.13
CA ARG B 124 21.12 -31.53 -7.48
C ARG B 124 19.95 -31.76 -8.43
N SER B 125 19.33 -30.71 -8.90
CA SER B 125 18.31 -30.77 -9.92
C SER B 125 18.85 -30.08 -11.19
N ASN B 126 17.99 -29.95 -12.19
CA ASN B 126 18.37 -29.16 -13.36
C ASN B 126 17.62 -27.85 -13.38
N ALA B 127 17.08 -27.43 -12.24
CA ALA B 127 16.22 -26.28 -12.23
C ALA B 127 17.04 -25.01 -12.26
N GLN B 128 16.44 -23.95 -12.79
CA GLN B 128 16.98 -22.61 -12.67
C GLN B 128 16.60 -22.02 -11.34
N ILE B 129 17.45 -21.13 -10.82
CA ILE B 129 17.15 -20.44 -9.58
C ILE B 129 17.19 -18.93 -9.88
N VAL B 130 16.18 -18.20 -9.37
CA VAL B 130 16.14 -16.74 -9.44
C VAL B 130 16.63 -16.21 -8.11
N LEU B 131 17.74 -15.44 -8.13
CA LEU B 131 18.26 -14.79 -6.93
C LEU B 131 17.87 -13.31 -6.97
N MET B 132 17.02 -12.87 -6.04
CA MET B 132 16.62 -11.48 -6.13
C MET B 132 17.26 -10.70 -4.97
N TYR B 133 17.66 -9.47 -5.26
CA TYR B 133 18.15 -8.59 -4.21
C TYR B 133 16.99 -8.11 -3.33
N SER B 134 17.24 -8.06 -2.02
CA SER B 134 16.40 -7.27 -1.15
C SER B 134 17.26 -6.64 -0.05
N LYS B 135 16.74 -5.54 0.48
CA LYS B 135 17.44 -4.74 1.45
C LYS B 135 17.48 -5.37 2.83
N ASP B 136 16.70 -6.43 3.07
CA ASP B 136 16.62 -7.06 4.37
C ASP B 136 17.01 -8.54 4.30
N THR B 137 17.56 -9.04 5.40
CA THR B 137 17.86 -10.47 5.41
C THR B 137 16.59 -11.32 5.51
N ASP B 138 15.60 -10.87 6.30
CA ASP B 138 14.30 -11.54 6.37
C ASP B 138 13.70 -11.62 4.96
N PRO B 139 13.25 -12.79 4.51
CA PRO B 139 12.63 -12.84 3.18
C PRO B 139 11.36 -12.01 3.09
N HIS B 140 10.65 -11.84 4.21
CA HIS B 140 9.51 -10.93 4.27
C HIS B 140 10.03 -9.51 4.39
N THR B 141 9.82 -8.72 3.35
CA THR B 141 10.47 -7.43 3.28
C THR B 141 9.63 -6.41 4.04
N SER B 142 10.26 -5.32 4.44
CA SER B 142 9.60 -4.36 5.30
C SER B 142 9.25 -3.08 4.52
N PHE B 143 8.30 -2.32 5.08
CA PHE B 143 8.17 -0.91 4.70
C PHE B 143 9.31 -0.15 5.36
N ASP B 144 10.18 0.48 4.54
CA ASP B 144 11.34 1.22 5.02
C ASP B 144 11.92 2.06 3.89
N GLU B 145 12.02 3.37 4.10
CA GLU B 145 12.50 4.27 3.04
C GLU B 145 14.04 4.30 3.03
N ARG B 146 14.59 3.11 2.80
CA ARG B 146 16.05 2.92 2.75
C ARG B 146 16.68 3.80 1.69
N GLN B 147 17.79 4.46 2.06
CA GLN B 147 18.54 5.32 1.15
C GLN B 147 19.82 4.62 0.76
N TYR B 148 20.36 5.02 -0.39
CA TYR B 148 21.59 4.42 -0.93
C TYR B 148 22.46 5.53 -1.48
N VAL B 149 23.76 5.43 -1.25
CA VAL B 149 24.74 6.23 -1.99
C VAL B 149 24.62 5.93 -3.48
N ASP B 150 24.63 4.65 -3.83
CA ASP B 150 24.44 4.25 -5.22
C ASP B 150 23.79 2.88 -5.20
N VAL B 151 22.48 2.85 -5.41
CA VAL B 151 21.78 1.58 -5.30
C VAL B 151 22.26 0.60 -6.37
N VAL B 152 22.70 1.11 -7.52
CA VAL B 152 23.13 0.19 -8.57
C VAL B 152 24.37 -0.59 -8.14
N ARG B 153 25.36 0.12 -7.56
CA ARG B 153 26.55 -0.55 -7.04
C ARG B 153 26.18 -1.52 -5.92
N THR B 154 25.32 -1.08 -5.00
CA THR B 154 24.93 -1.96 -3.89
C THR B 154 24.32 -3.25 -4.43
N VAL B 155 23.35 -3.14 -5.34
CA VAL B 155 22.65 -4.32 -5.86
C VAL B 155 23.58 -5.16 -6.73
N TYR B 156 24.42 -4.52 -7.54
CA TYR B 156 25.36 -5.28 -8.38
C TYR B 156 26.31 -6.11 -7.53
N ASP B 157 26.91 -5.48 -6.49
CA ASP B 157 27.82 -6.21 -5.59
C ASP B 157 27.10 -7.37 -4.90
N PHE B 158 25.85 -7.14 -4.46
CA PHE B 158 25.09 -8.19 -3.80
C PHE B 158 24.86 -9.37 -4.76
N LEU B 159 24.37 -9.08 -5.97
CA LEU B 159 24.04 -10.17 -6.89
C LEU B 159 25.31 -10.91 -7.33
N ALA B 160 26.41 -10.19 -7.52
CA ALA B 160 27.67 -10.86 -7.84
C ALA B 160 28.07 -11.85 -6.75
N GLU B 161 27.87 -11.45 -5.50
CA GLU B 161 28.23 -12.29 -4.37
C GLU B 161 27.29 -13.49 -4.27
N ARG B 162 26.00 -13.28 -4.51
CA ARG B 162 25.07 -14.40 -4.42
C ARG B 162 25.26 -15.36 -5.59
N LYS B 163 25.63 -14.85 -6.77
CA LYS B 163 25.96 -15.74 -7.87
C LYS B 163 27.15 -16.61 -7.51
N LYS B 164 28.20 -16.00 -6.91
CA LYS B 164 29.38 -16.77 -6.52
C LYS B 164 29.01 -17.86 -5.52
N ALA B 165 28.15 -17.53 -4.56
CA ALA B 165 27.73 -18.49 -3.55
C ALA B 165 26.94 -19.63 -4.19
N ALA B 166 25.99 -19.31 -5.10
CA ALA B 166 25.24 -20.36 -5.76
C ALA B 166 26.18 -21.28 -6.56
N MET B 167 27.13 -20.69 -7.27
CA MET B 167 28.06 -21.47 -8.07
C MET B 167 28.91 -22.38 -7.17
N SER B 168 29.31 -21.89 -5.99
CA SER B 168 30.15 -22.69 -5.11
C SER B 168 29.38 -23.87 -4.54
N ALA B 169 28.06 -23.72 -4.41
CA ALA B 169 27.15 -24.80 -4.01
C ALA B 169 26.83 -25.75 -5.15
N GLY B 170 27.33 -25.51 -6.36
CA GLY B 170 27.16 -26.42 -7.47
C GLY B 170 26.14 -26.02 -8.53
N ILE B 171 25.58 -24.81 -8.48
CA ILE B 171 24.64 -24.36 -9.51
C ILE B 171 25.47 -23.65 -10.58
N PRO B 172 25.44 -24.10 -11.82
CA PRO B 172 26.20 -23.41 -12.87
C PRO B 172 25.59 -22.08 -13.23
N ALA B 173 26.43 -21.20 -13.79
CA ALA B 173 25.99 -19.86 -14.15
C ALA B 173 24.81 -19.86 -15.10
N ASP B 174 24.74 -20.85 -16.01
CA ASP B 174 23.65 -20.94 -16.96
C ASP B 174 22.31 -21.32 -16.32
N ARG B 175 22.31 -21.72 -15.05
CA ARG B 175 21.05 -21.95 -14.35
C ARG B 175 20.79 -20.90 -13.27
N ILE B 176 21.56 -19.80 -13.26
CA ILE B 176 21.37 -18.71 -12.31
C ILE B 176 20.72 -17.53 -13.03
N ILE B 177 19.62 -17.05 -12.49
CA ILE B 177 18.86 -15.90 -12.99
C ILE B 177 18.91 -14.82 -11.92
N LEU B 178 19.13 -13.55 -12.33
CA LEU B 178 19.31 -12.48 -11.37
C LEU B 178 18.18 -11.47 -11.45
N ASP B 179 17.76 -10.96 -10.30
CA ASP B 179 16.64 -9.99 -10.20
C ASP B 179 17.15 -8.90 -9.28
N THR B 180 17.11 -7.64 -9.75
CA THR B 180 17.59 -6.54 -8.91
C THR B 180 16.68 -6.25 -7.75
N GLY B 181 15.47 -6.81 -7.74
CA GLY B 181 14.44 -6.37 -6.83
C GLY B 181 13.83 -5.07 -7.34
N LEU B 182 12.60 -4.81 -6.91
CA LEU B 182 11.95 -3.53 -7.22
C LEU B 182 10.98 -3.22 -6.08
N GLY B 183 10.52 -1.97 -6.03
CA GLY B 183 9.56 -1.72 -4.97
C GLY B 183 10.18 -1.76 -3.59
N HIS B 184 9.34 -2.13 -2.61
CA HIS B 184 9.77 -2.13 -1.21
C HIS B 184 10.96 -3.06 -0.97
N PHE B 185 11.12 -4.12 -1.76
CA PHE B 185 12.30 -4.98 -1.56
C PHE B 185 13.59 -4.18 -1.69
N VAL B 186 13.59 -3.16 -2.54
CA VAL B 186 14.74 -2.28 -2.68
C VAL B 186 14.64 -1.11 -1.72
N SER B 187 13.49 -0.43 -1.74
CA SER B 187 13.29 0.68 -0.82
C SER B 187 11.85 1.16 -0.94
N SER B 188 11.28 1.64 0.15
CA SER B 188 9.99 2.31 0.03
C SER B 188 10.09 3.70 -0.57
N ASP B 189 11.30 4.19 -0.80
CA ASP B 189 11.53 5.38 -1.59
C ASP B 189 11.62 4.95 -3.05
N PRO B 190 10.69 5.38 -3.90
CA PRO B 190 10.61 4.82 -5.27
C PRO B 190 11.79 5.14 -6.16
N GLN B 191 12.59 6.17 -5.85
CA GLN B 191 13.61 6.58 -6.81
C GLN B 191 14.56 5.42 -7.15
N TYR B 192 14.82 4.55 -6.19
CA TYR B 192 15.85 3.54 -6.40
C TYR B 192 15.40 2.46 -7.36
N SER B 193 14.10 2.16 -7.38
CA SER B 193 13.57 1.24 -8.38
C SER B 193 13.73 1.82 -9.79
N PHE B 194 13.46 3.11 -9.95
CA PHE B 194 13.63 3.71 -11.28
C PHE B 194 15.08 3.66 -11.71
N GLN B 195 16.01 3.91 -10.77
CA GLN B 195 17.41 3.90 -11.07
C GLN B 195 17.86 2.51 -11.49
N LEU B 196 17.35 1.46 -10.84
CA LEU B 196 17.71 0.10 -11.24
C LEU B 196 17.18 -0.19 -12.64
N LEU B 197 15.96 0.27 -12.96
CA LEU B 197 15.47 0.08 -14.32
C LEU B 197 16.32 0.86 -15.34
N ALA B 198 16.75 2.08 -14.98
CA ALA B 198 17.57 2.88 -15.88
C ALA B 198 18.88 2.16 -16.19
N HIS B 199 19.43 1.46 -15.19
CA HIS B 199 20.76 0.89 -15.28
C HIS B 199 20.72 -0.62 -15.39
N LEU B 200 19.58 -1.18 -15.78
CA LEU B 200 19.49 -2.63 -15.78
C LEU B 200 20.54 -3.25 -16.69
N SER B 201 20.88 -2.59 -17.82
CA SER B 201 21.83 -3.22 -18.72
C SER B 201 23.22 -3.38 -18.08
N ASP B 202 23.54 -2.60 -17.03
CA ASP B 202 24.82 -2.77 -16.33
C ASP B 202 24.93 -4.18 -15.77
N PHE B 203 23.79 -4.76 -15.39
CA PHE B 203 23.80 -6.09 -14.78
C PHE B 203 24.05 -7.22 -15.77
N GLN B 204 24.05 -6.94 -17.09
CA GLN B 204 24.33 -7.99 -18.05
C GLN B 204 25.77 -8.48 -17.93
N ASP B 205 26.64 -7.67 -17.32
CA ASP B 205 28.06 -8.05 -17.17
C ASP B 205 28.26 -9.19 -16.19
N LEU B 206 27.24 -9.52 -15.41
CA LEU B 206 27.29 -10.67 -14.53
C LEU B 206 27.04 -11.99 -15.27
N GLY B 207 26.67 -11.92 -16.54
CA GLY B 207 26.64 -13.15 -17.33
C GLY B 207 25.45 -14.04 -17.10
N CYS B 208 24.38 -13.53 -16.50
CA CYS B 208 23.16 -14.29 -16.22
C CYS B 208 21.94 -13.65 -16.85
N LYS B 209 20.95 -14.49 -17.15
CA LYS B 209 19.64 -13.97 -17.53
C LYS B 209 19.09 -13.10 -16.39
N LEU B 210 18.29 -12.13 -16.78
CA LEU B 210 17.71 -11.14 -15.88
C LEU B 210 16.19 -11.28 -15.82
N PHE B 211 15.66 -11.12 -14.61
CA PHE B 211 14.24 -11.36 -14.29
C PHE B 211 13.81 -10.16 -13.48
N LEU B 212 12.70 -9.52 -13.84
CA LEU B 212 12.18 -8.42 -13.03
C LEU B 212 10.67 -8.49 -12.90
N SER B 213 10.13 -7.83 -11.86
CA SER B 213 8.69 -7.88 -11.59
C SER B 213 8.18 -6.48 -11.22
N PRO B 214 7.99 -5.60 -12.22
CA PRO B 214 7.38 -4.30 -11.85
C PRO B 214 6.00 -4.49 -11.20
N SER B 215 5.11 -5.26 -11.88
CA SER B 215 3.87 -5.80 -11.35
CA SER B 215 3.85 -5.78 -11.37
C SER B 215 3.14 -4.89 -10.36
N ARG B 216 2.73 -3.70 -10.79
CA ARG B 216 1.89 -2.81 -9.95
C ARG B 216 2.50 -2.51 -8.57
N LYS B 217 3.82 -2.57 -8.43
CA LYS B 217 4.42 -2.29 -7.15
C LYS B 217 4.33 -0.79 -6.77
N SER B 218 4.57 -0.55 -5.48
CA SER B 218 4.49 0.75 -4.84
C SER B 218 5.20 1.83 -5.63
N PHE B 219 6.36 1.51 -6.21
CA PHE B 219 7.17 2.57 -6.83
C PHE B 219 6.50 3.14 -8.06
N LEU B 220 5.49 2.46 -8.59
CA LEU B 220 4.72 2.92 -9.72
C LEU B 220 3.58 3.85 -9.31
N ALA B 221 3.51 4.25 -8.02
CA ALA B 221 2.44 5.15 -7.61
C ALA B 221 2.56 6.49 -8.31
N GLY B 222 3.79 6.93 -8.59
CA GLY B 222 4.00 8.25 -9.26
C GLY B 222 3.53 9.43 -8.45
N ASN B 223 3.45 10.57 -9.15
CA ASN B 223 3.10 11.83 -8.49
C ASN B 223 1.67 11.84 -7.99
N GLU B 224 0.80 11.07 -8.64
CA GLU B 224 -0.60 11.01 -8.22
C GLU B 224 -0.82 10.06 -7.05
N LEU B 225 0.22 9.33 -6.59
CA LEU B 225 0.09 8.37 -5.49
C LEU B 225 -0.99 7.34 -5.83
N LEU B 226 -0.90 6.82 -7.04
CA LEU B 226 -1.89 5.89 -7.57
C LEU B 226 -1.93 4.63 -6.74
N LYS B 227 -3.14 4.17 -6.44
CA LYS B 227 -3.35 2.86 -5.82
C LYS B 227 -3.14 1.75 -6.86
N THR B 228 -2.99 0.52 -6.34
CA THR B 228 -2.69 -0.63 -7.19
C THR B 228 -3.60 -0.71 -8.41
N ALA B 229 -4.89 -0.43 -8.23
CA ALA B 229 -5.85 -0.58 -9.34
C ALA B 229 -5.53 0.34 -10.51
N ASP B 230 -4.83 1.44 -10.28
CA ASP B 230 -4.51 2.40 -11.30
C ASP B 230 -3.08 2.28 -11.84
N ARG B 231 -2.33 1.22 -11.51
CA ARG B 231 -0.92 1.15 -11.86
C ARG B 231 -0.65 0.30 -13.10
N LEU B 232 -1.68 -0.09 -13.85
CA LEU B 232 -1.40 -0.91 -15.04
C LEU B 232 -0.61 -0.13 -16.10
N PRO B 233 -0.96 1.10 -16.49
CA PRO B 233 -0.11 1.79 -17.48
C PRO B 233 1.36 1.86 -17.05
N GLY B 234 1.60 2.18 -15.78
CA GLY B 234 2.96 2.31 -15.31
C GLY B 234 3.66 0.97 -15.31
N THR B 235 2.92 -0.09 -15.00
CA THR B 235 3.47 -1.45 -15.05
C THR B 235 3.84 -1.84 -16.48
N ILE B 236 2.96 -1.55 -17.43
CA ILE B 236 3.29 -1.81 -18.83
C ILE B 236 4.56 -1.04 -19.24
N ALA B 237 4.61 0.27 -18.93
CA ALA B 237 5.75 1.07 -19.33
C ALA B 237 7.03 0.56 -18.68
N ALA B 238 6.98 0.30 -17.37
CA ALA B 238 8.21 -0.16 -16.69
C ALA B 238 8.66 -1.53 -17.22
N SER B 239 7.70 -2.42 -17.47
CA SER B 239 8.06 -3.76 -17.98
C SER B 239 8.65 -3.68 -19.38
N ALA B 240 8.03 -2.86 -20.25
CA ALA B 240 8.57 -2.65 -21.58
C ALA B 240 9.98 -2.08 -21.53
N ILE B 241 10.23 -1.10 -20.64
CA ILE B 241 11.56 -0.52 -20.58
C ILE B 241 12.54 -1.52 -19.99
N ALA B 242 12.08 -2.33 -19.03
CA ALA B 242 12.94 -3.41 -18.53
C ALA B 242 13.40 -4.34 -19.67
N VAL B 243 12.47 -4.70 -20.55
CA VAL B 243 12.83 -5.56 -21.68
C VAL B 243 13.80 -4.83 -22.59
N LEU B 244 13.55 -3.54 -22.84
CA LEU B 244 14.45 -2.78 -23.69
C LEU B 244 15.86 -2.77 -23.12
N HIS B 245 15.98 -2.77 -21.78
CA HIS B 245 17.25 -2.68 -21.07
C HIS B 245 17.80 -4.04 -20.68
N GLY B 246 17.20 -5.11 -21.17
CA GLY B 246 17.82 -6.42 -21.05
C GLY B 246 17.07 -7.49 -20.27
N ALA B 247 15.84 -7.21 -19.82
CA ALA B 247 15.14 -8.25 -19.06
C ALA B 247 14.84 -9.44 -19.97
N ASP B 248 15.09 -10.67 -19.44
CA ASP B 248 14.74 -11.90 -20.12
C ASP B 248 13.44 -12.53 -19.60
N TYR B 249 13.04 -12.18 -18.39
CA TYR B 249 11.80 -12.64 -17.79
C TYR B 249 11.08 -11.44 -17.22
N ILE B 250 9.74 -11.39 -17.36
CA ILE B 250 8.94 -10.39 -16.64
C ILE B 250 7.85 -11.14 -15.88
N ARG B 251 7.81 -10.95 -14.56
CA ARG B 251 6.83 -11.57 -13.70
C ARG B 251 5.68 -10.60 -13.48
N THR B 252 4.45 -11.06 -13.68
CA THR B 252 3.38 -10.09 -13.72
C THR B 252 2.02 -10.73 -13.46
N HIS B 253 1.11 -9.92 -12.89
CA HIS B 253 -0.27 -10.32 -12.73
C HIS B 253 -1.13 -10.01 -13.94
N ASP B 254 -0.65 -9.20 -14.86
CA ASP B 254 -1.52 -8.76 -15.96
C ASP B 254 -0.94 -9.28 -17.27
N VAL B 255 -1.05 -10.58 -17.45
CA VAL B 255 -0.25 -11.26 -18.46
C VAL B 255 -0.57 -10.74 -19.86
N LEU B 256 -1.87 -10.59 -20.17
CA LEU B 256 -2.25 -10.18 -21.54
C LEU B 256 -1.62 -8.83 -21.91
N GLU B 257 -1.82 -7.82 -21.06
CA GLU B 257 -1.39 -6.48 -21.42
C GLU B 257 0.11 -6.33 -21.32
N VAL B 258 0.72 -6.94 -20.29
CA VAL B 258 2.16 -6.79 -20.17
C VAL B 258 2.88 -7.57 -21.26
N ARG B 259 2.39 -8.78 -21.62
CA ARG B 259 2.95 -9.46 -22.77
C ARG B 259 2.88 -8.57 -24.01
N ARG B 260 1.74 -7.97 -24.24
CA ARG B 260 1.59 -7.17 -25.46
C ARG B 260 2.51 -5.97 -25.42
N GLY B 261 2.64 -5.33 -24.26
CA GLY B 261 3.55 -4.19 -24.16
C GLY B 261 4.98 -4.60 -24.33
N CYS B 262 5.36 -5.75 -23.75
CA CYS B 262 6.74 -6.21 -23.91
C CYS B 262 7.04 -6.62 -25.35
N GLU B 263 6.06 -7.11 -26.11
CA GLU B 263 6.32 -7.47 -27.51
C GLU B 263 6.74 -6.24 -28.31
N ILE B 264 6.16 -5.09 -27.96
CA ILE B 264 6.56 -3.85 -28.62
C ILE B 264 8.01 -3.49 -28.32
N ALA B 265 8.45 -3.68 -27.05
CA ALA B 265 9.84 -3.47 -26.70
C ALA B 265 10.76 -4.39 -27.48
N THR B 266 10.42 -5.68 -27.53
CA THR B 266 11.21 -6.60 -28.32
C THR B 266 11.32 -6.16 -29.78
N ALA B 267 10.21 -5.71 -30.38
CA ALA B 267 10.24 -5.29 -31.78
C ALA B 267 11.10 -4.04 -31.97
N ILE B 268 11.09 -3.14 -30.97
CA ILE B 268 11.98 -1.98 -31.06
C ILE B 268 13.44 -2.40 -30.94
N ASN B 269 13.73 -3.44 -30.16
CA ASN B 269 15.08 -4.00 -30.03
C ASN B 269 15.51 -4.82 -31.23
N GLN B 270 14.58 -5.17 -32.13
CA GLN B 270 14.88 -6.00 -33.28
C GLN B 270 15.54 -5.19 -34.37
N PRO B 271 16.80 -5.44 -34.72
CA PRO B 271 17.45 -4.75 -35.84
C PRO B 271 16.84 -5.18 -37.17
N PRO B 272 16.97 -4.39 -38.21
CA PRO B 272 16.43 -4.81 -39.51
C PRO B 272 16.91 -6.21 -39.87
N GLU B 273 15.94 -7.08 -40.20
CA GLU B 273 16.23 -8.42 -40.71
C GLU B 273 17.37 -8.40 -41.73
N ARG B 274 17.25 -7.52 -42.72
CA ARG B 274 18.34 -7.11 -43.62
C ARG B 274 17.74 -6.08 -44.61
#